data_9B7A
#
_entry.id   9B7A
#
_cell.length_a   66.762
_cell.length_b   78.573
_cell.length_c   82.689
_cell.angle_alpha   90.000
_cell.angle_beta   90.000
_cell.angle_gamma   90.000
#
_symmetry.space_group_name_H-M   'P 21 21 21'
#
loop_
_entity.id
_entity.type
_entity.pdbx_description
1 polymer Peroxiredoxin-1
2 non-polymer '(2R)-3-(3,4-dihydroxyphenyl)-2-{[(2E)-3-(3,4-dihydroxyphenyl)prop-2-enoyl]oxy}propanoic acid'
3 water water
#
_entity_poly.entity_id   1
_entity_poly.type   'polypeptide(L)'
_entity_poly.pdbx_seq_one_letter_code
;MSSGNAKIGHPAPNFKATAVMPDGQFKDISLSDYKGKYVVFFFYPLDFTFVSPTEIIAFSDRAEEFKKLNCQVIGASVDS
HFSHLAWVNTPKKQGGLGPMNIPLVSDPKRTIAQDYGVLKADEGISFRGLFIIDDKGILRQITVNDLPVGRSVDETLRLV
QAFQFTDKHGEVCPA
;
_entity_poly.pdbx_strand_id   A,B
#
# COMPACT_ATOMS: atom_id res chain seq x y z
N SER A 3 10.60 -3.47 12.49
CA SER A 3 9.43 -4.04 11.84
C SER A 3 8.16 -3.25 12.14
N GLY A 4 8.01 -2.81 13.40
CA GLY A 4 6.85 -2.02 13.79
C GLY A 4 5.73 -2.86 14.36
N ASN A 5 4.68 -2.15 14.77
CA ASN A 5 3.51 -2.76 15.41
C ASN A 5 2.23 -2.52 14.63
N ALA A 6 2.32 -2.07 13.39
CA ALA A 6 1.14 -1.87 12.56
C ALA A 6 0.78 -3.20 11.90
N LYS A 7 -0.35 -3.79 12.32
CA LYS A 7 -0.80 -5.08 11.82
C LYS A 7 -2.25 -4.96 11.37
N ILE A 8 -2.54 -5.46 10.16
CA ILE A 8 -3.93 -5.50 9.68
C ILE A 8 -4.77 -6.28 10.66
N GLY A 9 -5.95 -5.73 11.00
CA GLY A 9 -6.88 -6.41 11.87
C GLY A 9 -6.62 -6.19 13.35
N HIS A 10 -5.55 -5.50 13.71
CA HIS A 10 -5.19 -5.16 15.07
C HIS A 10 -5.37 -3.66 15.29
N PRO A 11 -5.55 -3.22 16.53
CA PRO A 11 -5.57 -1.78 16.81
C PRO A 11 -4.33 -1.09 16.26
N ALA A 12 -4.55 0.01 15.52
CA ALA A 12 -3.44 0.79 15.03
C ALA A 12 -2.70 1.43 16.21
N PRO A 13 -1.37 1.46 16.19
CA PRO A 13 -0.62 2.04 17.31
C PRO A 13 -1.08 3.46 17.65
N ASN A 14 -1.36 3.70 18.93
CA ASN A 14 -1.71 5.05 19.33
C ASN A 14 -0.45 5.93 19.33
N PHE A 15 -0.68 7.23 19.26
CA PHE A 15 0.38 8.21 19.39
C PHE A 15 -0.22 9.45 20.02
N LYS A 16 0.64 10.23 20.66
CA LYS A 16 0.32 11.56 21.14
C LYS A 16 1.46 12.48 20.73
N ALA A 17 1.16 13.51 19.97
CA ALA A 17 2.19 14.32 19.36
C ALA A 17 1.67 15.74 19.15
N THR A 18 2.61 16.67 19.07
CA THR A 18 2.25 18.04 18.74
C THR A 18 2.02 18.16 17.25
N ALA A 19 0.90 18.77 16.88
CA ALA A 19 0.59 19.04 15.48
C ALA A 19 0.32 20.52 15.28
N VAL A 20 0.52 21.00 14.05
CA VAL A 20 0.01 22.31 13.66
C VAL A 20 -1.38 22.08 13.07
N MET A 21 -2.38 22.75 13.64
CA MET A 21 -3.76 22.53 13.26
C MET A 21 -4.14 23.43 12.10
N PRO A 22 -5.28 23.15 11.44
CA PRO A 22 -5.72 24.02 10.33
C PRO A 22 -5.76 25.51 10.68
N ASP A 23 -6.01 25.87 11.95
CA ASP A 23 -6.05 27.28 12.30
C ASP A 23 -4.67 27.89 12.49
N GLY A 24 -3.61 27.11 12.30
CA GLY A 24 -2.27 27.64 12.39
C GLY A 24 -1.69 27.59 13.79
N GLN A 25 -2.41 27.03 14.75
CA GLN A 25 -1.93 26.92 16.12
C GLN A 25 -1.46 25.49 16.39
N PHE A 26 -0.66 25.37 17.43
CA PHE A 26 -0.15 24.07 17.83
C PHE A 26 -1.10 23.42 18.83
N LYS A 27 -1.26 22.10 18.71
CA LYS A 27 -2.09 21.35 19.64
C LYS A 27 -1.53 19.94 19.73
N ASP A 28 -1.53 19.38 20.94
CA ASP A 28 -1.15 17.98 21.11
C ASP A 28 -2.37 17.10 20.85
N ILE A 29 -2.27 16.22 19.86
CA ILE A 29 -3.38 15.35 19.49
C ILE A 29 -2.95 13.90 19.57
N SER A 30 -3.95 13.02 19.67
CA SER A 30 -3.75 11.58 19.74
C SER A 30 -4.64 10.89 18.73
N LEU A 31 -4.13 9.77 18.19
CA LEU A 31 -4.95 8.96 17.28
C LEU A 31 -6.28 8.60 17.92
N SER A 32 -6.26 8.30 19.22
CA SER A 32 -7.47 7.92 19.93
C SER A 32 -8.48 9.05 20.04
N ASP A 33 -8.08 10.29 19.76
CA ASP A 33 -9.04 11.40 19.74
C ASP A 33 -10.09 11.20 18.67
N TYR A 34 -9.78 10.40 17.64
CA TYR A 34 -10.65 10.28 16.48
C TYR A 34 -11.41 8.97 16.46
N LYS A 35 -11.47 8.25 17.58
CA LYS A 35 -12.28 7.04 17.61
C LYS A 35 -13.73 7.40 17.30
N GLY A 36 -14.39 6.52 16.56
CA GLY A 36 -15.70 6.81 16.02
C GLY A 36 -15.71 7.34 14.60
N LYS A 37 -14.54 7.68 14.06
CA LYS A 37 -14.39 8.08 12.67
C LYS A 37 -13.29 7.24 12.04
N TYR A 38 -13.40 7.03 10.73
CA TYR A 38 -12.25 6.53 9.99
C TYR A 38 -11.14 7.57 10.03
N VAL A 39 -9.90 7.09 9.94
CA VAL A 39 -8.73 7.96 9.90
C VAL A 39 -7.83 7.52 8.75
N VAL A 40 -7.36 8.48 7.97
CA VAL A 40 -6.25 8.29 7.04
C VAL A 40 -5.06 8.98 7.67
N PHE A 41 -4.05 8.21 8.07
CA PHE A 41 -2.85 8.73 8.71
C PHE A 41 -1.69 8.50 7.74
N PHE A 42 -1.07 9.58 7.27
CA PHE A 42 0.01 9.42 6.30
C PHE A 42 1.27 10.14 6.75
N PHE A 43 2.40 9.49 6.50
CA PHE A 43 3.73 10.03 6.75
C PHE A 43 4.28 10.60 5.45
N TYR A 44 5.04 11.68 5.55
CA TYR A 44 5.87 12.14 4.45
C TYR A 44 7.26 12.40 4.99
N PRO A 45 8.29 12.36 4.13
CA PRO A 45 9.66 12.32 4.68
C PRO A 45 10.12 13.62 5.32
N LEU A 46 10.10 14.75 4.61
CA LEU A 46 10.62 16.00 5.16
C LEU A 46 9.82 17.19 4.65
N ASP A 47 9.83 18.27 5.43
CA ASP A 47 9.30 19.56 5.01
C ASP A 47 10.22 20.22 3.97
N PHE A 48 9.62 21.17 3.22
CA PHE A 48 10.32 22.01 2.25
C PHE A 48 10.95 21.17 1.13
N THR A 49 10.23 20.14 0.70
CA THR A 49 10.64 19.20 -0.32
C THR A 49 9.78 19.39 -1.57
N PHE A 50 9.95 18.51 -2.57
CA PHE A 50 9.25 18.77 -3.82
C PHE A 50 8.38 17.64 -4.35
N VAL A 51 8.29 16.49 -3.66
CA VAL A 51 7.19 15.56 -3.93
C VAL A 51 6.12 15.65 -2.85
N SER A 52 6.54 15.71 -1.58
CA SER A 52 5.58 15.80 -0.48
C SER A 52 4.56 16.92 -0.63
N PRO A 53 4.89 18.15 -1.04
CA PRO A 53 3.86 19.21 -1.07
C PRO A 53 2.71 18.89 -2.00
N THR A 54 2.97 18.24 -3.14
CA THR A 54 1.87 17.85 -4.03
C THR A 54 0.86 16.98 -3.29
N GLU A 55 1.35 16.02 -2.49
CA GLU A 55 0.47 15.13 -1.73
C GLU A 55 -0.27 15.89 -0.64
N ILE A 56 0.47 16.63 0.19
CA ILE A 56 -0.13 17.33 1.32
C ILE A 56 -1.21 18.28 0.84
N ILE A 57 -0.89 19.08 -0.18
CA ILE A 57 -1.85 20.06 -0.72
C ILE A 57 -3.07 19.35 -1.27
N ALA A 58 -2.88 18.19 -1.91
CA ALA A 58 -4.01 17.45 -2.46
C ALA A 58 -4.93 16.94 -1.36
N PHE A 59 -4.36 16.34 -0.31
CA PHE A 59 -5.20 15.88 0.80
C PHE A 59 -5.90 17.05 1.48
N SER A 60 -5.18 18.16 1.64
CA SER A 60 -5.79 19.35 2.24
C SER A 60 -6.89 19.92 1.35
N ASP A 61 -6.58 20.11 0.07
CA ASP A 61 -7.57 20.69 -0.86
C ASP A 61 -8.84 19.87 -0.89
N ARG A 62 -8.74 18.55 -0.77
CA ARG A 62 -9.88 17.67 -0.92
C ARG A 62 -10.36 17.12 0.42
N ALA A 63 -10.04 17.81 1.52
CA ALA A 63 -10.43 17.30 2.83
C ALA A 63 -11.95 17.14 2.96
N GLU A 64 -12.73 17.96 2.25
CA GLU A 64 -14.18 17.85 2.36
C GLU A 64 -14.69 16.51 1.83
N GLU A 65 -14.02 15.93 0.83
CA GLU A 65 -14.42 14.61 0.36
C GLU A 65 -14.22 13.56 1.44
N PHE A 66 -13.18 13.71 2.27
CA PHE A 66 -13.02 12.80 3.38
C PHE A 66 -14.03 13.08 4.47
N LYS A 67 -14.36 14.34 4.70
CA LYS A 67 -15.37 14.68 5.70
C LYS A 67 -16.71 14.06 5.35
N LYS A 68 -17.04 14.00 4.06
CA LYS A 68 -18.30 13.36 3.64
C LYS A 68 -18.30 11.88 3.94
N LEU A 69 -17.13 11.25 4.02
CA LEU A 69 -17.00 9.87 4.44
C LEU A 69 -16.78 9.73 5.94
N ASN A 70 -17.01 10.79 6.71
CA ASN A 70 -16.76 10.77 8.16
C ASN A 70 -15.34 10.28 8.45
N CYS A 71 -14.38 10.82 7.70
CA CYS A 71 -13.00 10.34 7.79
C CYS A 71 -12.05 11.51 8.04
N GLN A 72 -11.20 11.39 9.06
CA GLN A 72 -10.22 12.41 9.39
C GLN A 72 -8.90 12.09 8.73
N VAL A 73 -8.30 13.07 8.04
CA VAL A 73 -6.97 12.92 7.44
C VAL A 73 -5.95 13.60 8.34
N ILE A 74 -4.83 12.92 8.58
CA ILE A 74 -3.74 13.44 9.41
C ILE A 74 -2.42 13.15 8.71
N GLY A 75 -1.59 14.18 8.51
CA GLY A 75 -0.26 14.02 7.98
C GLY A 75 0.80 14.08 9.09
N ALA A 76 1.99 13.57 8.79
CA ALA A 76 3.06 13.52 9.79
C ALA A 76 4.43 13.47 9.13
N SER A 77 5.41 14.11 9.76
CA SER A 77 6.80 13.89 9.41
C SER A 77 7.64 14.09 10.65
N VAL A 78 8.93 13.74 10.53
CA VAL A 78 9.83 13.91 11.67
C VAL A 78 10.24 15.36 11.93
N ASP A 79 9.95 16.29 11.02
CA ASP A 79 10.30 17.69 11.25
C ASP A 79 9.53 18.23 12.46
N SER A 80 10.09 19.26 13.08
CA SER A 80 9.43 19.91 14.20
C SER A 80 8.12 20.56 13.74
N HIS A 81 7.21 20.74 14.70
CA HIS A 81 5.99 21.48 14.41
C HIS A 81 6.28 22.92 13.99
N PHE A 82 7.39 23.51 14.48
CA PHE A 82 7.75 24.84 14.00
C PHE A 82 8.09 24.83 12.53
N SER A 83 8.77 23.77 12.07
CA SER A 83 9.07 23.64 10.65
C SER A 83 7.78 23.49 9.84
N HIS A 84 6.86 22.67 10.31
CA HIS A 84 5.56 22.53 9.65
C HIS A 84 4.90 23.88 9.44
N LEU A 85 4.81 24.68 10.51
CA LEU A 85 4.13 25.96 10.42
C LEU A 85 4.86 26.91 9.48
N ALA A 86 6.20 26.91 9.51
CA ALA A 86 6.95 27.73 8.57
C ALA A 86 6.61 27.39 7.13
N TRP A 87 6.41 26.11 6.84
CA TRP A 87 6.05 25.69 5.48
C TRP A 87 4.61 26.11 5.15
N VAL A 88 3.70 25.95 6.10
CA VAL A 88 2.32 26.43 5.91
C VAL A 88 2.32 27.93 5.61
N ASN A 89 3.13 28.70 6.34
CA ASN A 89 3.17 30.15 6.21
C ASN A 89 3.98 30.63 5.01
N THR A 90 4.69 29.73 4.32
CA THR A 90 5.37 30.11 3.09
C THR A 90 4.33 30.22 1.98
N PRO A 91 4.29 31.34 1.24
CA PRO A 91 3.30 31.48 0.16
C PRO A 91 3.44 30.34 -0.84
N LYS A 92 2.30 29.88 -1.35
CA LYS A 92 2.32 28.77 -2.31
C LYS A 92 3.14 29.11 -3.54
N LYS A 93 3.18 30.39 -3.94
CA LYS A 93 3.96 30.77 -5.11
C LYS A 93 5.46 30.58 -4.91
N GLN A 94 5.92 30.43 -3.66
CA GLN A 94 7.33 30.19 -3.37
C GLN A 94 7.58 28.74 -2.96
N GLY A 95 6.66 27.84 -3.27
CA GLY A 95 6.80 26.45 -2.90
C GLY A 95 6.26 26.09 -1.53
N GLY A 96 5.49 26.99 -0.90
CA GLY A 96 4.91 26.70 0.39
C GLY A 96 3.63 25.89 0.29
N LEU A 97 3.17 25.43 1.45
CA LEU A 97 1.93 24.66 1.52
C LEU A 97 0.70 25.56 1.43
N GLY A 98 0.77 26.75 2.02
CA GLY A 98 -0.39 27.59 2.18
C GLY A 98 -1.27 27.07 3.30
N PRO A 99 -2.40 27.74 3.52
CA PRO A 99 -3.33 27.30 4.58
C PRO A 99 -3.77 25.85 4.40
N MET A 100 -3.84 25.12 5.52
CA MET A 100 -4.12 23.69 5.53
C MET A 100 -5.50 23.42 6.11
N ASN A 101 -6.17 22.41 5.56
CA ASN A 101 -7.42 21.89 6.11
C ASN A 101 -7.23 20.64 6.95
N ILE A 102 -6.00 20.16 7.09
CA ILE A 102 -5.72 18.94 7.86
C ILE A 102 -4.61 19.25 8.86
N PRO A 103 -4.53 18.52 9.96
CA PRO A 103 -3.40 18.72 10.90
C PRO A 103 -2.16 18.00 10.41
N LEU A 104 -0.99 18.53 10.80
CA LEU A 104 0.30 17.97 10.45
C LEU A 104 1.06 17.65 11.73
N VAL A 105 1.23 16.38 12.02
CA VAL A 105 1.86 15.89 13.24
C VAL A 105 3.38 15.97 13.12
N SER A 106 4.05 16.29 14.22
CA SER A 106 5.51 16.28 14.30
C SER A 106 5.97 15.05 15.09
N ASP A 107 6.94 14.33 14.52
CA ASP A 107 7.46 13.08 15.08
C ASP A 107 8.97 13.18 15.29
N PRO A 108 9.42 14.15 16.10
CA PRO A 108 10.87 14.43 16.17
C PRO A 108 11.66 13.33 16.86
N LYS A 109 11.02 12.49 17.66
CA LYS A 109 11.75 11.37 18.26
C LYS A 109 11.75 10.13 17.39
N ARG A 110 11.05 10.15 16.25
CA ARG A 110 10.97 9.06 15.29
C ARG A 110 10.23 7.83 15.83
N THR A 111 9.59 7.95 16.99
CA THR A 111 8.95 6.77 17.58
C THR A 111 7.64 6.42 16.88
N ILE A 112 6.93 7.41 16.35
CA ILE A 112 5.69 7.11 15.64
C ILE A 112 5.99 6.39 14.33
N ALA A 113 6.95 6.92 13.55
CA ALA A 113 7.41 6.21 12.35
C ALA A 113 7.87 4.79 12.68
N GLN A 114 8.64 4.62 13.76
CA GLN A 114 9.07 3.27 14.12
C GLN A 114 7.86 2.39 14.47
N ASP A 115 6.91 2.94 15.24
CA ASP A 115 5.72 2.18 15.61
C ASP A 115 4.97 1.68 14.38
N TYR A 116 4.97 2.48 13.32
CA TYR A 116 4.24 2.16 12.11
C TYR A 116 5.10 1.42 11.09
N GLY A 117 6.33 1.10 11.46
CA GLY A 117 7.20 0.33 10.58
C GLY A 117 7.64 1.07 9.33
N VAL A 118 7.67 2.39 9.35
CA VAL A 118 8.01 3.11 8.13
C VAL A 118 9.23 4.03 8.32
N LEU A 119 10.05 3.80 9.34
CA LEU A 119 11.25 4.60 9.48
C LEU A 119 12.34 4.07 8.56
N LYS A 120 12.94 4.98 7.78
CA LYS A 120 14.12 4.66 6.98
C LYS A 120 15.31 4.81 7.90
N ALA A 121 15.76 3.69 8.47
CA ALA A 121 16.63 3.72 9.64
C ALA A 121 17.98 4.39 9.34
N ASP A 122 18.51 4.24 8.13
CA ASP A 122 19.81 4.82 7.83
C ASP A 122 19.76 6.32 7.57
N GLU A 123 18.57 6.92 7.63
CA GLU A 123 18.43 8.34 7.35
C GLU A 123 17.59 9.07 8.40
N GLY A 124 16.82 8.38 9.22
CA GLY A 124 16.07 9.04 10.26
C GLY A 124 14.83 9.75 9.79
N ILE A 125 14.32 9.39 8.62
CA ILE A 125 13.08 9.97 8.09
C ILE A 125 12.13 8.83 7.76
N SER A 126 10.85 9.17 7.61
CA SER A 126 9.88 8.14 7.24
C SER A 126 9.83 7.95 5.73
N PHE A 127 9.57 6.72 5.31
CA PHE A 127 9.07 6.47 3.98
C PHE A 127 7.66 7.07 3.85
N ARG A 128 7.06 6.97 2.66
CA ARG A 128 5.71 7.48 2.42
C ARG A 128 4.68 6.43 2.83
N GLY A 129 4.49 6.28 4.14
CA GLY A 129 3.51 5.35 4.66
C GLY A 129 2.13 5.99 4.77
N LEU A 130 1.11 5.20 4.43
CA LEU A 130 -0.28 5.66 4.57
C LEU A 130 -1.08 4.52 5.18
N PHE A 131 -1.90 4.84 6.17
CA PHE A 131 -2.61 3.83 6.95
C PHE A 131 -4.07 4.21 7.04
N ILE A 132 -4.96 3.27 6.75
CA ILE A 132 -6.38 3.49 6.89
C ILE A 132 -6.85 2.74 8.12
N ILE A 133 -7.43 3.49 9.06
CA ILE A 133 -7.84 3.00 10.37
C ILE A 133 -9.34 3.20 10.50
N ASP A 134 -10.05 2.16 10.93
CA ASP A 134 -11.50 2.28 10.93
C ASP A 134 -11.98 2.99 12.21
N ASP A 135 -13.29 3.17 12.32
CA ASP A 135 -13.87 3.92 13.43
C ASP A 135 -13.71 3.20 14.76
N LYS A 136 -13.39 1.90 14.76
CA LYS A 136 -13.06 1.18 15.98
C LYS A 136 -11.58 1.24 16.32
N GLY A 137 -10.78 1.92 15.50
CA GLY A 137 -9.36 1.99 15.72
C GLY A 137 -8.55 0.86 15.14
N ILE A 138 -9.18 -0.01 14.34
CA ILE A 138 -8.51 -1.19 13.79
C ILE A 138 -7.86 -0.82 12.47
N LEU A 139 -6.63 -1.27 12.28
CA LEU A 139 -5.94 -1.00 11.03
C LEU A 139 -6.49 -1.88 9.91
N ARG A 140 -6.90 -1.24 8.80
CA ARG A 140 -7.48 -1.93 7.67
C ARG A 140 -6.60 -1.97 6.43
N GLN A 141 -5.65 -1.04 6.28
CA GLN A 141 -4.92 -0.92 5.02
C GLN A 141 -3.56 -0.30 5.29
N ILE A 142 -2.54 -0.85 4.63
CA ILE A 142 -1.16 -0.38 4.71
C ILE A 142 -0.67 -0.04 3.32
N THR A 143 -0.13 1.17 3.15
CA THR A 143 0.49 1.60 1.90
C THR A 143 1.84 2.21 2.24
N VAL A 144 2.92 1.73 1.61
CA VAL A 144 4.24 2.32 1.83
C VAL A 144 4.93 2.48 0.48
N ASN A 145 5.26 3.72 0.13
CA ASN A 145 5.99 4.03 -1.10
C ASN A 145 7.42 4.42 -0.76
N ASP A 146 8.37 3.98 -1.60
CA ASP A 146 9.71 4.55 -1.55
C ASP A 146 9.64 6.07 -1.73
N LEU A 147 10.73 6.75 -1.31
CA LEU A 147 10.74 8.20 -1.27
C LEU A 147 10.33 8.92 -2.56
N PRO A 148 10.69 8.46 -3.77
CA PRO A 148 10.45 9.30 -4.96
C PRO A 148 9.01 9.44 -5.42
N VAL A 149 8.06 8.60 -4.97
CA VAL A 149 6.77 8.46 -5.63
C VAL A 149 5.64 8.75 -4.65
N GLY A 150 4.73 9.64 -5.06
CA GLY A 150 3.65 10.08 -4.20
C GLY A 150 2.40 9.22 -4.29
N ARG A 151 1.45 9.54 -3.42
CA ARG A 151 0.21 8.81 -3.27
C ARG A 151 -0.92 9.53 -4.00
N SER A 152 -2.05 8.83 -4.13
CA SER A 152 -3.22 9.31 -4.86
C SER A 152 -4.40 9.49 -3.90
N VAL A 153 -4.98 10.70 -3.88
CA VAL A 153 -6.18 10.92 -3.10
C VAL A 153 -7.34 10.08 -3.62
N ASP A 154 -7.48 9.98 -4.95
CA ASP A 154 -8.55 9.16 -5.52
C ASP A 154 -8.49 7.74 -4.99
N GLU A 155 -7.30 7.14 -5.02
CA GLU A 155 -7.14 5.77 -4.55
C GLU A 155 -7.48 5.67 -3.07
N THR A 156 -7.04 6.65 -2.28
CA THR A 156 -7.33 6.63 -0.85
C THR A 156 -8.83 6.72 -0.59
N LEU A 157 -9.51 7.61 -1.31
CA LEU A 157 -10.97 7.70 -1.16
C LEU A 157 -11.64 6.39 -1.56
N ARG A 158 -11.16 5.76 -2.64
CA ARG A 158 -11.75 4.48 -3.06
C ARG A 158 -11.67 3.46 -1.93
N LEU A 159 -10.51 3.38 -1.28
CA LEU A 159 -10.31 2.39 -0.22
C LEU A 159 -11.17 2.72 1.00
N VAL A 160 -11.19 3.98 1.42
CA VAL A 160 -11.96 4.34 2.61
C VAL A 160 -13.43 3.99 2.39
N GLN A 161 -13.97 4.41 1.25
CA GLN A 161 -15.38 4.14 0.98
C GLN A 161 -15.66 2.64 0.92
N ALA A 162 -14.78 1.88 0.26
CA ALA A 162 -15.00 0.45 0.12
C ALA A 162 -14.96 -0.28 1.46
N PHE A 163 -14.04 0.11 2.36
CA PHE A 163 -14.04 -0.50 3.69
C PHE A 163 -15.33 -0.19 4.42
N GLN A 164 -15.83 1.04 4.30
CA GLN A 164 -17.05 1.41 5.00
C GLN A 164 -18.24 0.66 4.45
N PHE A 165 -18.26 0.45 3.14
CA PHE A 165 -19.36 -0.31 2.54
C PHE A 165 -19.34 -1.77 3.00
N THR A 166 -18.15 -2.38 3.05
CA THR A 166 -18.09 -3.77 3.48
C THR A 166 -18.31 -3.90 4.98
N ASP A 167 -17.99 -2.85 5.76
CA ASP A 167 -18.33 -2.82 7.17
C ASP A 167 -19.84 -3.03 7.37
N LYS A 168 -20.64 -2.41 6.50
CA LYS A 168 -22.08 -2.40 6.71
C LYS A 168 -22.73 -3.67 6.16
N HIS A 169 -22.25 -4.19 5.04
CA HIS A 169 -22.82 -5.40 4.46
C HIS A 169 -21.71 -6.21 3.80
N GLY A 170 -21.63 -7.49 4.17
CA GLY A 170 -20.62 -8.38 3.62
C GLY A 170 -20.20 -9.48 4.57
N SER B 3 7.83 -9.06 11.65
CA SER B 3 7.22 -10.11 10.84
C SER B 3 7.43 -9.84 9.35
N GLY B 4 8.23 -10.68 8.71
CA GLY B 4 8.48 -10.54 7.29
C GLY B 4 9.80 -9.86 7.00
N ASN B 5 10.29 -10.07 5.77
CA ASN B 5 11.55 -9.51 5.32
C ASN B 5 11.38 -8.55 4.15
N ALA B 6 10.16 -8.12 3.85
CA ALA B 6 9.92 -7.15 2.78
C ALA B 6 10.20 -5.75 3.31
N LYS B 7 11.30 -5.14 2.86
CA LYS B 7 11.72 -3.82 3.32
C LYS B 7 11.94 -2.91 2.11
N ILE B 8 11.32 -1.73 2.13
CA ILE B 8 11.51 -0.76 1.06
C ILE B 8 13.00 -0.43 0.93
N GLY B 9 13.50 -0.39 -0.31
CA GLY B 9 14.89 -0.05 -0.57
C GLY B 9 15.85 -1.20 -0.42
N HIS B 10 15.38 -2.38 -0.04
CA HIS B 10 16.18 -3.58 0.12
C HIS B 10 15.72 -4.62 -0.90
N PRO B 11 16.56 -5.61 -1.21
CA PRO B 11 16.14 -6.63 -2.18
C PRO B 11 14.88 -7.34 -1.74
N ALA B 12 13.92 -7.44 -2.65
CA ALA B 12 12.70 -8.16 -2.33
C ALA B 12 13.04 -9.63 -2.06
N PRO B 13 12.41 -10.24 -1.07
CA PRO B 13 12.72 -11.65 -0.75
C PRO B 13 12.51 -12.55 -1.95
N ASN B 14 13.54 -13.32 -2.27
CA ASN B 14 13.40 -14.26 -3.38
C ASN B 14 12.45 -15.39 -2.97
N PHE B 15 11.95 -16.07 -3.98
CA PHE B 15 11.17 -17.27 -3.75
C PHE B 15 11.36 -18.18 -4.95
N LYS B 16 11.18 -19.48 -4.73
CA LYS B 16 11.11 -20.44 -5.81
C LYS B 16 9.88 -21.29 -5.57
N ALA B 17 8.97 -21.34 -6.55
CA ALA B 17 7.69 -21.98 -6.33
C ALA B 17 7.13 -22.48 -7.65
N THR B 18 6.20 -23.43 -7.53
CA THR B 18 5.47 -23.92 -8.69
C THR B 18 4.36 -22.94 -9.05
N ALA B 19 4.27 -22.61 -10.32
CA ALA B 19 3.24 -21.71 -10.83
C ALA B 19 2.50 -22.39 -11.97
N VAL B 20 1.23 -22.03 -12.14
CA VAL B 20 0.50 -22.32 -13.37
C VAL B 20 0.77 -21.17 -14.31
N MET B 21 1.38 -21.46 -15.44
CA MET B 21 1.82 -20.46 -16.39
C MET B 21 0.70 -20.10 -17.35
N PRO B 22 0.81 -18.97 -18.06
CA PRO B 22 -0.26 -18.61 -19.01
C PRO B 22 -0.64 -19.69 -20.00
N ASP B 23 0.29 -20.59 -20.36
CA ASP B 23 -0.05 -21.64 -21.30
C ASP B 23 -0.80 -22.80 -20.66
N GLY B 24 -1.11 -22.70 -19.37
CA GLY B 24 -1.88 -23.70 -18.67
C GLY B 24 -1.09 -24.82 -18.05
N GLN B 25 0.24 -24.76 -18.10
CA GLN B 25 1.08 -25.82 -17.59
C GLN B 25 1.86 -25.35 -16.37
N PHE B 26 2.27 -26.33 -15.56
CA PHE B 26 3.09 -26.04 -14.38
C PHE B 26 4.52 -25.68 -14.80
N LYS B 27 5.13 -24.81 -14.02
CA LYS B 27 6.56 -24.52 -14.16
C LYS B 27 7.05 -23.92 -12.86
N ASP B 28 8.24 -24.34 -12.43
CA ASP B 28 8.86 -23.77 -11.24
C ASP B 28 9.57 -22.47 -11.62
N ILE B 29 9.20 -21.38 -10.96
CA ILE B 29 9.76 -20.07 -11.30
C ILE B 29 10.30 -19.42 -10.03
N SER B 30 11.20 -18.45 -10.23
CA SER B 30 11.79 -17.69 -9.14
C SER B 30 11.64 -16.20 -9.42
N LEU B 31 11.52 -15.41 -8.35
CA LEU B 31 11.46 -13.96 -8.54
C LEU B 31 12.70 -13.47 -9.30
N SER B 32 13.85 -14.08 -9.03
CA SER B 32 15.09 -13.69 -9.69
C SER B 32 15.07 -13.97 -11.18
N ASP B 33 14.18 -14.84 -11.67
CA ASP B 33 14.04 -15.04 -13.11
C ASP B 33 13.73 -13.73 -13.83
N TYR B 34 13.13 -12.76 -13.13
CA TYR B 34 12.62 -11.55 -13.75
C TYR B 34 13.51 -10.34 -13.49
N LYS B 35 14.75 -10.56 -13.03
CA LYS B 35 15.71 -9.46 -13.00
C LYS B 35 15.81 -8.83 -14.38
N GLY B 36 15.94 -7.51 -14.41
CA GLY B 36 15.85 -6.77 -15.63
C GLY B 36 14.46 -6.27 -15.98
N LYS B 37 13.44 -6.72 -15.25
CA LYS B 37 12.08 -6.25 -15.42
C LYS B 37 11.54 -5.79 -14.07
N TYR B 38 10.67 -4.78 -14.11
CA TYR B 38 9.82 -4.52 -12.95
C TYR B 38 8.90 -5.71 -12.73
N VAL B 39 8.50 -5.91 -11.47
CA VAL B 39 7.58 -7.00 -11.14
C VAL B 39 6.50 -6.46 -10.23
N VAL B 40 5.25 -6.78 -10.55
CA VAL B 40 4.14 -6.63 -9.62
C VAL B 40 3.81 -8.03 -9.11
N PHE B 41 4.03 -8.25 -7.81
CA PHE B 41 3.82 -9.53 -7.16
C PHE B 41 2.66 -9.35 -6.18
N PHE B 42 1.53 -10.03 -6.41
CA PHE B 42 0.38 -9.85 -5.54
C PHE B 42 -0.14 -11.18 -5.00
N PHE B 43 -0.54 -11.15 -3.74
CA PHE B 43 -1.17 -12.26 -3.05
C PHE B 43 -2.68 -12.07 -3.00
N TYR B 44 -3.40 -13.18 -3.06
CA TYR B 44 -4.82 -13.20 -2.75
C TYR B 44 -5.10 -14.34 -1.79
N PRO B 45 -6.17 -14.25 -0.98
CA PRO B 45 -6.34 -15.22 0.11
C PRO B 45 -6.49 -16.67 -0.32
N LEU B 46 -7.48 -16.98 -1.18
CA LEU B 46 -7.85 -18.35 -1.52
C LEU B 46 -8.42 -18.44 -2.92
N ASP B 47 -8.21 -19.60 -3.56
CA ASP B 47 -8.90 -19.94 -4.80
C ASP B 47 -10.38 -20.17 -4.54
N PHE B 48 -11.17 -20.09 -5.62
CA PHE B 48 -12.59 -20.47 -5.61
C PHE B 48 -13.39 -19.58 -4.66
N THR B 49 -13.04 -18.30 -4.64
CA THR B 49 -13.68 -17.28 -3.82
C THR B 49 -14.38 -16.28 -4.72
N PHE B 50 -14.82 -15.17 -4.15
CA PHE B 50 -15.70 -14.25 -4.85
C PHE B 50 -15.07 -12.91 -5.20
N VAL B 51 -14.18 -12.37 -4.36
CA VAL B 51 -13.53 -11.10 -4.67
C VAL B 51 -12.23 -11.33 -5.42
N SER B 52 -11.43 -12.29 -4.96
CA SER B 52 -10.16 -12.61 -5.63
C SER B 52 -10.28 -12.82 -7.14
N PRO B 53 -11.24 -13.59 -7.67
CA PRO B 53 -11.27 -13.78 -9.14
C PRO B 53 -11.41 -12.48 -9.90
N THR B 54 -12.16 -11.52 -9.36
CA THR B 54 -12.32 -10.24 -10.05
C THR B 54 -10.99 -9.52 -10.15
N GLU B 55 -10.18 -9.59 -9.09
CA GLU B 55 -8.85 -8.99 -9.10
C GLU B 55 -7.94 -9.69 -10.08
N ILE B 56 -7.87 -11.03 -9.99
CA ILE B 56 -6.97 -11.81 -10.83
C ILE B 56 -7.30 -11.59 -12.30
N ILE B 57 -8.58 -11.66 -12.64
CA ILE B 57 -8.99 -11.47 -14.03
C ILE B 57 -8.67 -10.05 -14.51
N ALA B 58 -8.84 -9.05 -13.64
CA ALA B 58 -8.53 -7.67 -14.04
C ALA B 58 -7.06 -7.53 -14.40
N PHE B 59 -6.17 -8.09 -13.58
CA PHE B 59 -4.75 -8.02 -13.88
C PHE B 59 -4.41 -8.82 -15.13
N SER B 60 -4.98 -10.02 -15.26
CA SER B 60 -4.71 -10.83 -16.43
C SER B 60 -5.21 -10.15 -17.70
N ASP B 61 -6.44 -9.62 -17.66
CA ASP B 61 -7.02 -8.96 -18.83
C ASP B 61 -6.14 -7.82 -19.32
N ARG B 62 -5.49 -7.12 -18.39
CA ARG B 62 -4.72 -5.92 -18.72
C ARG B 62 -3.21 -6.16 -18.68
N ALA B 63 -2.80 -7.43 -18.78
CA ALA B 63 -1.39 -7.77 -18.73
C ALA B 63 -0.58 -7.04 -19.80
N GLU B 64 -1.18 -6.75 -20.96
CA GLU B 64 -0.47 -6.07 -22.03
C GLU B 64 -0.03 -4.67 -21.60
N GLU B 65 -0.86 -3.98 -20.80
CA GLU B 65 -0.46 -2.66 -20.32
C GLU B 65 0.78 -2.75 -19.43
N PHE B 66 0.94 -3.86 -18.71
CA PHE B 66 2.16 -4.04 -17.93
C PHE B 66 3.34 -4.46 -18.80
N LYS B 67 3.09 -5.26 -19.85
CA LYS B 67 4.18 -5.65 -20.74
C LYS B 67 4.79 -4.44 -21.44
N LYS B 68 3.95 -3.46 -21.82
CA LYS B 68 4.47 -2.25 -22.43
C LYS B 68 5.32 -1.45 -21.47
N LEU B 69 5.14 -1.64 -20.16
CA LEU B 69 6.01 -1.05 -19.16
C LEU B 69 7.18 -1.96 -18.78
N ASN B 70 7.43 -3.02 -19.54
CA ASN B 70 8.48 -3.99 -19.21
C ASN B 70 8.31 -4.49 -17.78
N CYS B 71 7.09 -4.85 -17.43
CA CYS B 71 6.77 -5.24 -16.07
C CYS B 71 5.99 -6.54 -16.08
N GLN B 72 6.46 -7.52 -15.31
CA GLN B 72 5.84 -8.83 -15.20
C GLN B 72 4.88 -8.82 -14.01
N VAL B 73 3.67 -9.32 -14.21
CA VAL B 73 2.70 -9.47 -13.13
C VAL B 73 2.66 -10.93 -12.71
N ILE B 74 2.70 -11.17 -11.39
CA ILE B 74 2.64 -12.52 -10.83
C ILE B 74 1.68 -12.51 -9.66
N GLY B 75 0.67 -13.40 -9.70
CA GLY B 75 -0.22 -13.59 -8.56
C GLY B 75 0.17 -14.81 -7.75
N ALA B 76 -0.32 -14.89 -6.51
CA ALA B 76 0.07 -15.99 -5.62
C ALA B 76 -0.99 -16.20 -4.54
N SER B 77 -1.20 -17.45 -4.15
CA SER B 77 -1.95 -17.76 -2.95
C SER B 77 -1.40 -19.04 -2.32
N VAL B 78 -1.87 -19.32 -1.10
CA VAL B 78 -1.40 -20.52 -0.39
C VAL B 78 -2.04 -21.80 -0.90
N ASP B 79 -2.94 -21.72 -1.88
CA ASP B 79 -3.54 -22.93 -2.44
C ASP B 79 -2.50 -23.76 -3.21
N SER B 80 -2.83 -25.03 -3.40
CA SER B 80 -1.98 -25.91 -4.20
C SER B 80 -1.97 -25.49 -5.67
N HIS B 81 -0.94 -25.93 -6.38
CA HIS B 81 -0.87 -25.64 -7.80
C HIS B 81 -1.95 -26.38 -8.58
N PHE B 82 -2.38 -27.54 -8.07
CA PHE B 82 -3.51 -28.25 -8.69
C PHE B 82 -4.80 -27.43 -8.58
N SER B 83 -5.02 -26.80 -7.42
CA SER B 83 -6.17 -25.92 -7.23
C SER B 83 -6.14 -24.76 -8.24
N HIS B 84 -4.99 -24.12 -8.39
CA HIS B 84 -4.85 -23.05 -9.39
C HIS B 84 -5.27 -23.54 -10.76
N LEU B 85 -4.75 -24.71 -11.16
CA LEU B 85 -5.06 -25.22 -12.49
C LEU B 85 -6.54 -25.54 -12.64
N ALA B 86 -7.16 -26.11 -11.60
CA ALA B 86 -8.60 -26.37 -11.67
C ALA B 86 -9.39 -25.07 -11.83
N TRP B 87 -8.95 -24.00 -11.17
CA TRP B 87 -9.67 -22.72 -11.26
C TRP B 87 -9.49 -22.10 -12.63
N VAL B 88 -8.28 -22.18 -13.20
CA VAL B 88 -8.03 -21.67 -14.55
C VAL B 88 -8.87 -22.43 -15.56
N ASN B 89 -8.99 -23.75 -15.38
CA ASN B 89 -9.73 -24.60 -16.31
C ASN B 89 -11.23 -24.50 -16.13
N THR B 90 -11.69 -23.76 -15.13
CA THR B 90 -13.11 -23.49 -14.97
C THR B 90 -13.45 -22.23 -15.76
N PRO B 91 -14.37 -22.27 -16.72
CA PRO B 91 -14.65 -21.07 -17.52
C PRO B 91 -15.13 -19.92 -16.66
N LYS B 92 -14.75 -18.72 -17.09
CA LYS B 92 -15.18 -17.50 -16.41
C LYS B 92 -16.70 -17.42 -16.33
N LYS B 93 -17.39 -17.88 -17.37
CA LYS B 93 -18.85 -17.95 -17.38
C LYS B 93 -19.41 -18.73 -16.20
N GLN B 94 -18.63 -19.69 -15.67
CA GLN B 94 -19.09 -20.57 -14.61
C GLN B 94 -18.46 -20.23 -13.26
N GLY B 95 -17.90 -19.04 -13.12
CA GLY B 95 -17.31 -18.64 -11.86
C GLY B 95 -15.84 -18.95 -11.71
N GLY B 96 -15.18 -19.39 -12.78
CA GLY B 96 -13.76 -19.67 -12.74
C GLY B 96 -12.93 -18.50 -13.23
N LEU B 97 -11.61 -18.75 -13.30
CA LEU B 97 -10.72 -17.73 -13.82
C LEU B 97 -10.71 -17.68 -15.34
N GLY B 98 -10.86 -18.82 -16.01
CA GLY B 98 -10.61 -18.87 -17.43
C GLY B 98 -9.13 -18.74 -17.75
N PRO B 99 -8.80 -18.69 -19.04
CA PRO B 99 -7.38 -18.60 -19.44
C PRO B 99 -6.72 -17.34 -18.89
N MET B 100 -5.47 -17.47 -18.48
CA MET B 100 -4.74 -16.41 -17.80
C MET B 100 -3.59 -15.91 -18.66
N ASN B 101 -3.29 -14.62 -18.53
CA ASN B 101 -2.12 -14.03 -19.15
C ASN B 101 -0.97 -13.84 -18.17
N ILE B 102 -1.16 -14.22 -16.91
CA ILE B 102 -0.15 -14.06 -15.87
C ILE B 102 0.07 -15.39 -15.17
N PRO B 103 1.25 -15.64 -14.62
CA PRO B 103 1.45 -16.85 -13.81
C PRO B 103 0.81 -16.71 -12.43
N LEU B 104 0.41 -17.85 -11.87
CA LEU B 104 -0.18 -17.91 -10.54
C LEU B 104 0.66 -18.87 -9.71
N VAL B 105 1.30 -18.34 -8.69
CA VAL B 105 2.23 -19.08 -7.84
C VAL B 105 1.46 -19.77 -6.72
N SER B 106 1.89 -20.98 -6.37
CA SER B 106 1.35 -21.71 -5.24
C SER B 106 2.34 -21.61 -4.07
N ASP B 107 1.84 -21.23 -2.89
CA ASP B 107 2.64 -21.06 -1.68
C ASP B 107 2.08 -21.95 -0.56
N PRO B 108 2.07 -23.28 -0.77
CA PRO B 108 1.30 -24.15 0.14
C PRO B 108 1.87 -24.27 1.54
N LYS B 109 3.18 -24.04 1.72
CA LYS B 109 3.79 -24.02 3.03
C LYS B 109 3.75 -22.65 3.69
N ARG B 110 3.17 -21.66 3.01
CA ARG B 110 2.97 -20.30 3.51
C ARG B 110 4.28 -19.55 3.75
N THR B 111 5.41 -20.07 3.28
CA THR B 111 6.68 -19.39 3.57
C THR B 111 6.87 -18.12 2.76
N ILE B 112 6.34 -18.05 1.55
CA ILE B 112 6.42 -16.81 0.78
C ILE B 112 5.55 -15.74 1.43
N ALA B 113 4.33 -16.10 1.83
CA ALA B 113 3.47 -15.13 2.51
C ALA B 113 4.12 -14.61 3.79
N GLN B 114 4.77 -15.50 4.55
CA GLN B 114 5.46 -15.05 5.75
C GLN B 114 6.63 -14.13 5.40
N ASP B 115 7.42 -14.50 4.38
CA ASP B 115 8.55 -13.68 3.96
C ASP B 115 8.10 -12.28 3.59
N TYR B 116 6.92 -12.15 2.98
CA TYR B 116 6.39 -10.85 2.58
C TYR B 116 5.52 -10.21 3.66
N GLY B 117 5.40 -10.85 4.83
CA GLY B 117 4.71 -10.21 5.94
C GLY B 117 3.21 -10.08 5.79
N VAL B 118 2.58 -10.92 4.97
CA VAL B 118 1.16 -10.79 4.70
C VAL B 118 0.38 -12.04 5.12
N LEU B 119 0.94 -12.87 6.00
CA LEU B 119 0.18 -14.03 6.47
C LEU B 119 -0.80 -13.62 7.56
N LYS B 120 -2.07 -14.01 7.38
CA LYS B 120 -3.09 -13.87 8.43
C LYS B 120 -2.97 -15.11 9.29
N ALA B 121 -2.20 -15.00 10.38
CA ALA B 121 -1.69 -16.18 11.07
C ALA B 121 -2.81 -17.09 11.56
N ASP B 122 -3.92 -16.52 12.03
CA ASP B 122 -4.95 -17.33 12.65
C ASP B 122 -5.80 -18.10 11.64
N GLU B 123 -5.59 -17.88 10.33
CA GLU B 123 -6.33 -18.59 9.31
C GLU B 123 -5.46 -19.33 8.30
N GLY B 124 -4.16 -19.12 8.31
CA GLY B 124 -3.29 -19.78 7.33
C GLY B 124 -3.50 -19.31 5.92
N ILE B 125 -3.92 -18.05 5.73
CA ILE B 125 -4.16 -17.48 4.41
C ILE B 125 -3.52 -16.10 4.38
N SER B 126 -3.27 -15.59 3.17
CA SER B 126 -2.64 -14.29 3.05
C SER B 126 -3.70 -13.19 3.00
N PHE B 127 -3.32 -12.02 3.52
CA PHE B 127 -4.04 -10.80 3.22
C PHE B 127 -3.86 -10.45 1.74
N ARG B 128 -4.50 -9.37 1.31
CA ARG B 128 -4.39 -8.91 -0.08
C ARG B 128 -3.17 -8.02 -0.22
N GLY B 129 -2.01 -8.66 -0.31
CA GLY B 129 -0.73 -7.95 -0.42
C GLY B 129 -0.31 -7.77 -1.87
N LEU B 130 0.24 -6.60 -2.16
CA LEU B 130 0.77 -6.31 -3.50
C LEU B 130 2.09 -5.58 -3.33
N PHE B 131 3.09 -5.97 -4.13
CA PHE B 131 4.45 -5.48 -4.00
C PHE B 131 4.98 -5.11 -5.36
N ILE B 132 5.64 -3.97 -5.44
CA ILE B 132 6.25 -3.50 -6.69
C ILE B 132 7.76 -3.56 -6.51
N ILE B 133 8.40 -4.32 -7.39
CA ILE B 133 9.82 -4.63 -7.33
C ILE B 133 10.46 -4.13 -8.61
N ASP B 134 11.57 -3.39 -8.49
CA ASP B 134 12.15 -2.80 -9.69
C ASP B 134 13.03 -3.82 -10.42
N ASP B 135 13.56 -3.39 -11.57
CA ASP B 135 14.35 -4.25 -12.45
C ASP B 135 15.65 -4.70 -11.82
N LYS B 136 16.08 -4.07 -10.73
CA LYS B 136 17.25 -4.53 -9.98
C LYS B 136 16.87 -5.44 -8.81
N GLY B 137 15.59 -5.78 -8.68
CA GLY B 137 15.14 -6.63 -7.60
C GLY B 137 14.87 -5.92 -6.29
N ILE B 138 14.89 -4.58 -6.27
CA ILE B 138 14.69 -3.82 -5.04
C ILE B 138 13.20 -3.58 -4.83
N LEU B 139 12.74 -3.78 -3.60
CA LEU B 139 11.34 -3.49 -3.29
C LEU B 139 11.10 -1.99 -3.23
N ARG B 140 10.09 -1.52 -3.97
CA ARG B 140 9.79 -0.10 -4.05
C ARG B 140 8.45 0.28 -3.42
N GLN B 141 7.53 -0.67 -3.25
CA GLN B 141 6.17 -0.34 -2.82
C GLN B 141 5.54 -1.53 -2.12
N ILE B 142 4.84 -1.25 -1.01
CA ILE B 142 4.10 -2.26 -0.26
C ILE B 142 2.65 -1.81 -0.17
N THR B 143 1.73 -2.70 -0.50
CA THR B 143 0.29 -2.48 -0.38
C THR B 143 -0.31 -3.71 0.29
N VAL B 144 -1.03 -3.51 1.41
CA VAL B 144 -1.70 -4.63 2.06
C VAL B 144 -3.11 -4.20 2.41
N ASN B 145 -4.10 -4.88 1.85
CA ASN B 145 -5.50 -4.66 2.17
C ASN B 145 -6.03 -5.77 3.06
N ASP B 146 -6.86 -5.41 4.02
CA ASP B 146 -7.70 -6.39 4.70
C ASP B 146 -8.55 -7.13 3.66
N LEU B 147 -8.97 -8.35 4.03
CA LEU B 147 -9.65 -9.24 3.10
C LEU B 147 -10.84 -8.65 2.33
N PRO B 148 -11.69 -7.79 2.90
CA PRO B 148 -12.92 -7.41 2.17
C PRO B 148 -12.72 -6.55 0.94
N VAL B 149 -11.58 -5.89 0.76
CA VAL B 149 -11.47 -4.81 -0.22
C VAL B 149 -10.35 -5.10 -1.21
N GLY B 150 -10.69 -5.03 -2.51
CA GLY B 150 -9.75 -5.40 -3.55
C GLY B 150 -8.87 -4.24 -4.02
N ARG B 151 -8.01 -4.55 -4.97
CA ARG B 151 -7.01 -3.62 -5.48
C ARG B 151 -7.41 -3.06 -6.84
N SER B 152 -6.68 -2.02 -7.26
CA SER B 152 -6.96 -1.31 -8.51
C SER B 152 -5.81 -1.52 -9.47
N VAL B 153 -6.12 -2.00 -10.67
CA VAL B 153 -5.08 -2.10 -11.70
C VAL B 153 -4.61 -0.71 -12.11
N ASP B 154 -5.56 0.24 -12.25
CA ASP B 154 -5.18 1.63 -12.57
C ASP B 154 -4.14 2.15 -11.60
N GLU B 155 -4.37 1.97 -10.29
CA GLU B 155 -3.45 2.51 -9.31
C GLU B 155 -2.10 1.81 -9.41
N THR B 156 -2.11 0.50 -9.65
CA THR B 156 -0.86 -0.24 -9.78
C THR B 156 -0.06 0.26 -10.98
N LEU B 157 -0.73 0.47 -12.12
CA LEU B 157 -0.04 1.01 -13.29
C LEU B 157 0.51 2.40 -13.00
N ARG B 158 -0.26 3.24 -12.31
CA ARG B 158 0.24 4.57 -11.95
C ARG B 158 1.55 4.47 -11.18
N LEU B 159 1.60 3.56 -10.21
CA LEU B 159 2.80 3.42 -9.38
C LEU B 159 3.98 2.92 -10.21
N VAL B 160 3.77 1.87 -11.00
CA VAL B 160 4.88 1.34 -11.81
C VAL B 160 5.43 2.44 -12.71
N GLN B 161 4.54 3.16 -13.40
CA GLN B 161 4.98 4.24 -14.29
C GLN B 161 5.76 5.30 -13.52
N ALA B 162 5.29 5.65 -12.32
CA ALA B 162 5.93 6.71 -11.54
C ALA B 162 7.32 6.28 -11.05
N PHE B 163 7.47 5.01 -10.64
CA PHE B 163 8.79 4.55 -10.24
C PHE B 163 9.74 4.53 -11.42
N GLN B 164 9.25 4.11 -12.58
CA GLN B 164 10.12 4.11 -13.76
C GLN B 164 10.51 5.52 -14.16
N PHE B 165 9.57 6.47 -14.02
CA PHE B 165 9.89 7.86 -14.33
C PHE B 165 10.98 8.40 -13.42
N THR B 166 10.84 8.22 -12.10
CA THR B 166 11.86 8.74 -11.20
C THR B 166 13.17 7.98 -11.31
N ASP B 167 13.14 6.73 -11.78
CA ASP B 167 14.39 5.99 -12.01
C ASP B 167 15.28 6.70 -13.02
N LYS B 168 14.70 7.50 -13.92
CA LYS B 168 15.49 8.19 -14.95
C LYS B 168 16.20 9.43 -14.43
N HIS B 169 15.81 9.94 -13.26
CA HIS B 169 16.48 11.11 -12.72
C HIS B 169 17.89 10.76 -12.26
N GLY B 170 18.73 11.78 -12.14
CA GLY B 170 20.10 11.59 -11.72
C GLY B 170 20.65 12.77 -10.93
#